data_2CHR
#
_entry.id   2CHR
#
_cell.length_a   111.890
_cell.length_b   111.890
_cell.length_c   148.490
_cell.angle_alpha   90.00
_cell.angle_beta   90.00
_cell.angle_gamma   90.00
#
_symmetry.space_group_name_H-M   'I 4 2 2'
#
loop_
_entity.id
_entity.type
_entity.pdbx_description
1 polymer 'CHLOROMUCONATE CYCLOISOMERASE'
2 non-polymer 'MANGANESE (II) ION'
3 non-polymer 'CHLORIDE ION'
4 water water
#
_entity_poly.entity_id   1
_entity_poly.type   'polypeptide(L)'
_entity_poly.pdbx_seq_one_letter_code
;MKIDAIEAVIVDVPTKRPIQMSITTVHQQSYVIVRVYSEGLVGVGEGGSVGGPVWSAECAETIKIIVERYLAPHLLGTDA
FNVSGALQTMARAVTGNASAKAAVEMALLDLKARALGVSIAELLGGPLRSAIPIAWTLASGDTKRDLDSAVEMIERRRHN
RFKVKLGFRSPQDDLIHMEALSNSLGSKAYLRVDVNQAWDEQVASVYIPELEALGVELIEQPVGRENTQALRRLSDNNRV
AIMADESLSTLASAFDLARDRSVDVFSLKLCNMGGVSATQKIAAVAEASGIASYGGTMLDSTIGTSVALQLYSTVPSLPF
GCELIGPFVLADTLSHEPLEIRDYELQVPTGVGHGMTLDEDKVRQYARVS
;
_entity_poly.pdbx_strand_id   A
#
# COMPACT_ATOMS: atom_id res chain seq x y z
N MET A 1 -1.36 -9.55 28.10
CA MET A 1 -2.14 -10.81 27.95
C MET A 1 -1.16 -11.96 27.69
N LYS A 2 0.14 -11.66 27.76
CA LYS A 2 1.23 -12.60 27.55
C LYS A 2 1.15 -13.43 26.27
N ILE A 3 2.07 -13.16 25.35
CA ILE A 3 2.14 -13.84 24.07
C ILE A 3 2.59 -15.27 24.26
N ASP A 4 1.73 -16.22 23.91
CA ASP A 4 2.05 -17.62 24.02
C ASP A 4 3.00 -17.97 22.88
N ALA A 5 2.52 -17.81 21.65
CA ALA A 5 3.35 -18.10 20.48
C ALA A 5 2.95 -17.31 19.22
N ILE A 6 3.96 -16.94 18.45
CA ILE A 6 3.79 -16.18 17.22
C ILE A 6 4.17 -17.09 16.06
N GLU A 7 3.17 -17.49 15.28
CA GLU A 7 3.38 -18.36 14.12
C GLU A 7 3.20 -17.58 12.82
N ALA A 8 3.82 -18.06 11.75
CA ALA A 8 3.73 -17.42 10.44
C ALA A 8 3.89 -18.42 9.31
N VAL A 9 3.09 -18.26 8.25
CA VAL A 9 3.14 -19.15 7.08
C VAL A 9 3.11 -18.33 5.78
N ILE A 10 3.73 -18.87 4.73
CA ILE A 10 3.76 -18.21 3.43
C ILE A 10 2.61 -18.72 2.57
N VAL A 11 1.94 -17.82 1.86
CA VAL A 11 0.81 -18.19 0.98
C VAL A 11 0.86 -17.46 -0.37
N ASP A 12 0.83 -18.22 -1.46
CA ASP A 12 0.90 -17.64 -2.80
C ASP A 12 -0.44 -17.60 -3.54
N VAL A 13 -0.98 -16.39 -3.71
CA VAL A 13 -2.25 -16.22 -4.40
C VAL A 13 -2.01 -15.50 -5.72
N PRO A 14 -2.48 -16.07 -6.85
CA PRO A 14 -2.33 -15.50 -8.21
C PRO A 14 -3.21 -14.28 -8.46
N THR A 15 -2.84 -13.50 -9.47
CA THR A 15 -3.61 -12.32 -9.84
C THR A 15 -4.54 -12.76 -10.94
N LYS A 16 -5.78 -12.30 -10.92
CA LYS A 16 -6.77 -12.63 -11.94
C LYS A 16 -6.14 -12.36 -13.29
N ARG A 17 -5.52 -11.20 -13.41
CA ARG A 17 -4.84 -10.80 -14.62
C ARG A 17 -3.54 -10.10 -14.22
N PRO A 18 -2.49 -10.19 -15.06
CA PRO A 18 -1.18 -9.60 -14.82
C PRO A 18 -1.21 -8.09 -14.60
N ILE A 19 -0.19 -7.62 -13.89
CA ILE A 19 -0.06 -6.20 -13.62
C ILE A 19 1.34 -5.80 -14.01
N GLN A 20 1.50 -5.45 -15.28
CA GLN A 20 2.79 -5.06 -15.83
C GLN A 20 3.23 -3.65 -15.41
N MET A 21 4.25 -3.57 -14.57
CA MET A 21 4.80 -2.30 -14.12
C MET A 21 6.11 -2.07 -14.86
N SER A 22 6.84 -1.04 -14.45
CA SER A 22 8.13 -0.71 -15.07
C SER A 22 9.22 -1.63 -14.57
N ILE A 23 9.06 -2.08 -13.34
CA ILE A 23 10.04 -2.95 -12.72
C ILE A 23 9.77 -4.44 -12.85
N THR A 24 8.49 -4.84 -12.90
CA THR A 24 8.11 -6.25 -12.98
C THR A 24 6.63 -6.44 -13.38
N THR A 25 6.28 -7.63 -13.86
CA THR A 25 4.89 -7.97 -14.21
C THR A 25 4.38 -8.86 -13.07
N VAL A 26 3.21 -8.53 -12.53
CA VAL A 26 2.63 -9.29 -11.43
C VAL A 26 1.65 -10.34 -11.93
N HIS A 27 2.14 -11.57 -12.04
CA HIS A 27 1.31 -12.69 -12.47
C HIS A 27 0.74 -13.38 -11.24
N GLN A 28 1.48 -13.30 -10.14
CA GLN A 28 1.09 -13.91 -8.86
C GLN A 28 1.52 -12.99 -7.71
N GLN A 29 0.90 -13.15 -6.55
CA GLN A 29 1.20 -12.33 -5.38
C GLN A 29 1.44 -13.18 -4.11
N SER A 30 2.68 -13.19 -3.65
CA SER A 30 3.09 -13.97 -2.48
C SER A 30 2.94 -13.19 -1.18
N TYR A 31 2.59 -13.89 -0.10
CA TYR A 31 2.40 -13.25 1.20
C TYR A 31 3.03 -14.01 2.38
N VAL A 32 2.80 -13.48 3.58
CA VAL A 32 3.28 -14.06 4.81
C VAL A 32 2.29 -13.65 5.91
N ILE A 33 1.33 -14.52 6.20
CA ILE A 33 0.34 -14.23 7.25
C ILE A 33 0.89 -14.64 8.61
N VAL A 34 0.88 -13.70 9.55
CA VAL A 34 1.39 -13.93 10.89
C VAL A 34 0.31 -14.06 11.96
N ARG A 35 0.03 -15.29 12.37
CA ARG A 35 -0.97 -15.57 13.40
C ARG A 35 -0.34 -15.54 14.79
N VAL A 36 -0.59 -14.47 15.55
CA VAL A 36 -0.04 -14.36 16.90
C VAL A 36 -1.08 -14.86 17.93
N TYR A 37 -0.90 -16.08 18.43
CA TYR A 37 -1.83 -16.65 19.40
C TYR A 37 -1.49 -16.18 20.80
N SER A 38 -2.51 -15.76 21.55
CA SER A 38 -2.30 -15.29 22.91
C SER A 38 -3.55 -15.33 23.78
N GLU A 39 -3.46 -16.11 24.85
CA GLU A 39 -4.53 -16.26 25.82
C GLU A 39 -5.85 -16.70 25.19
N GLY A 40 -5.76 -17.59 24.21
CA GLY A 40 -6.95 -18.09 23.54
C GLY A 40 -7.39 -17.30 22.31
N LEU A 41 -7.18 -15.99 22.33
CA LEU A 41 -7.55 -15.16 21.18
C LEU A 41 -6.37 -14.91 20.27
N VAL A 42 -6.57 -15.15 18.97
CA VAL A 42 -5.54 -14.97 17.95
C VAL A 42 -5.57 -13.51 17.44
N GLY A 43 -4.57 -13.17 16.62
CA GLY A 43 -4.43 -11.86 16.03
C GLY A 43 -3.77 -12.03 14.68
N VAL A 44 -4.53 -11.80 13.61
CA VAL A 44 -4.02 -11.95 12.26
C VAL A 44 -3.43 -10.66 11.68
N GLY A 45 -2.35 -10.83 10.92
CA GLY A 45 -1.66 -9.73 10.27
C GLY A 45 -0.87 -10.31 9.10
N GLU A 46 -0.36 -9.47 8.22
CA GLU A 46 0.40 -9.99 7.08
C GLU A 46 1.50 -9.05 6.62
N GLY A 47 2.45 -9.61 5.89
CA GLY A 47 3.55 -8.81 5.38
C GLY A 47 4.07 -9.47 4.14
N GLY A 48 4.33 -8.67 3.10
CA GLY A 48 4.85 -9.21 1.85
C GLY A 48 5.42 -8.12 0.96
N SER A 49 6.03 -8.52 -0.15
CA SER A 49 6.62 -7.57 -1.10
C SER A 49 6.14 -7.80 -2.53
N VAL A 50 6.43 -6.84 -3.41
CA VAL A 50 6.05 -6.90 -4.83
C VAL A 50 7.20 -7.36 -5.72
N GLY A 51 6.91 -8.30 -6.62
CA GLY A 51 7.91 -8.83 -7.53
C GLY A 51 9.07 -9.46 -6.79
N GLY A 52 8.79 -9.96 -5.60
CA GLY A 52 9.83 -10.58 -4.78
C GLY A 52 10.68 -9.47 -4.23
N PRO A 53 12.03 -9.57 -4.34
CA PRO A 53 12.94 -8.54 -3.84
C PRO A 53 13.18 -7.45 -4.90
N VAL A 54 12.11 -6.99 -5.54
CA VAL A 54 12.25 -5.95 -6.56
C VAL A 54 11.70 -4.58 -6.18
N TRP A 55 10.43 -4.52 -5.74
CA TRP A 55 9.86 -3.24 -5.35
C TRP A 55 10.66 -2.75 -4.14
N SER A 56 10.93 -3.66 -3.22
CA SER A 56 11.72 -3.38 -2.03
C SER A 56 12.80 -4.47 -1.94
N ALA A 57 13.64 -4.39 -0.92
CA ALA A 57 14.72 -5.37 -0.74
C ALA A 57 14.21 -6.68 -0.11
N GLU A 58 12.94 -6.69 0.29
CA GLU A 58 12.34 -7.85 0.91
C GLU A 58 11.56 -8.72 -0.06
N CYS A 59 11.25 -9.94 0.39
CA CYS A 59 10.50 -10.92 -0.40
C CYS A 59 9.91 -11.92 0.58
N ALA A 60 9.01 -12.77 0.08
CA ALA A 60 8.32 -13.78 0.89
C ALA A 60 9.21 -14.61 1.81
N GLU A 61 10.28 -15.18 1.27
CA GLU A 61 11.19 -16.02 2.05
C GLU A 61 12.04 -15.28 3.07
N THR A 62 12.36 -14.03 2.78
CA THR A 62 13.15 -13.21 3.70
C THR A 62 12.27 -12.75 4.86
N ILE A 63 11.00 -12.49 4.56
CA ILE A 63 10.03 -12.07 5.57
C ILE A 63 9.82 -13.16 6.62
N LYS A 64 9.68 -14.39 6.16
CA LYS A 64 9.44 -15.51 7.05
C LYS A 64 10.55 -15.75 8.08
N ILE A 65 11.78 -15.90 7.61
CA ILE A 65 12.91 -16.15 8.49
C ILE A 65 13.22 -14.99 9.44
N ILE A 66 13.11 -13.77 8.95
CA ILE A 66 13.36 -12.59 9.78
C ILE A 66 12.31 -12.53 10.88
N VAL A 67 11.09 -12.96 10.57
CA VAL A 67 10.02 -12.98 11.54
C VAL A 67 10.29 -14.09 12.56
N GLU A 68 10.18 -15.33 12.10
CA GLU A 68 10.39 -16.51 12.93
C GLU A 68 11.69 -16.56 13.73
N ARG A 69 12.80 -16.47 13.02
CA ARG A 69 14.12 -16.56 13.63
C ARG A 69 14.69 -15.34 14.34
N TYR A 70 14.17 -14.15 14.05
CA TYR A 70 14.73 -12.97 14.67
C TYR A 70 13.85 -12.05 15.49
N LEU A 71 12.56 -11.97 15.17
CA LEU A 71 11.65 -11.09 15.91
C LEU A 71 10.86 -11.88 16.94
N ALA A 72 10.32 -13.01 16.49
CA ALA A 72 9.51 -13.91 17.30
C ALA A 72 10.09 -14.29 18.66
N PRO A 73 11.37 -14.70 18.71
CA PRO A 73 12.01 -15.09 19.97
C PRO A 73 11.90 -14.05 21.08
N HIS A 74 12.27 -12.82 20.77
CA HIS A 74 12.24 -11.74 21.76
C HIS A 74 10.83 -11.28 22.11
N LEU A 75 9.84 -11.71 21.34
CA LEU A 75 8.45 -11.32 21.56
C LEU A 75 7.63 -12.36 22.32
N LEU A 76 8.10 -13.61 22.35
CA LEU A 76 7.40 -14.68 23.05
C LEU A 76 7.41 -14.46 24.55
N GLY A 77 6.23 -14.57 25.17
CA GLY A 77 6.11 -14.39 26.59
C GLY A 77 6.09 -12.96 27.03
N THR A 78 5.87 -12.05 26.08
CA THR A 78 5.84 -10.61 26.35
C THR A 78 4.39 -10.11 26.44
N ASP A 79 4.19 -8.97 27.10
CA ASP A 79 2.87 -8.37 27.26
C ASP A 79 2.30 -8.04 25.87
N ALA A 80 1.31 -8.82 25.46
CA ALA A 80 0.66 -8.65 24.15
C ALA A 80 -0.03 -7.30 23.94
N PHE A 81 -0.39 -6.65 25.04
CA PHE A 81 -1.07 -5.35 24.99
C PHE A 81 -0.08 -4.18 25.05
N ASN A 82 1.15 -4.39 24.61
CA ASN A 82 2.13 -3.32 24.64
C ASN A 82 2.86 -3.16 23.30
N VAL A 83 2.21 -2.47 22.37
CA VAL A 83 2.77 -2.25 21.04
C VAL A 83 4.00 -1.36 21.13
N SER A 84 4.00 -0.42 22.07
CA SER A 84 5.13 0.49 22.28
C SER A 84 6.41 -0.30 22.48
N GLY A 85 6.34 -1.30 23.36
CA GLY A 85 7.47 -2.15 23.64
C GLY A 85 7.77 -3.12 22.52
N ALA A 86 6.71 -3.65 21.90
CA ALA A 86 6.86 -4.60 20.80
C ALA A 86 7.69 -4.01 19.68
N LEU A 87 7.35 -2.78 19.28
CA LEU A 87 8.06 -2.10 18.22
C LEU A 87 9.49 -1.76 18.62
N GLN A 88 9.66 -1.22 19.82
CA GLN A 88 10.98 -0.87 20.36
C GLN A 88 11.87 -2.11 20.34
N THR A 89 11.33 -3.21 20.86
CA THR A 89 12.01 -4.49 20.93
C THR A 89 12.38 -5.00 19.54
N MET A 90 11.48 -4.81 18.58
CA MET A 90 11.73 -5.24 17.22
C MET A 90 12.83 -4.42 16.55
N ALA A 91 13.00 -3.17 16.98
CA ALA A 91 14.03 -2.30 16.41
C ALA A 91 15.41 -2.65 16.93
N ARG A 92 15.46 -3.24 18.12
CA ARG A 92 16.72 -3.66 18.75
C ARG A 92 17.07 -5.09 18.33
N ALA A 93 16.16 -5.73 17.62
CA ALA A 93 16.37 -7.09 17.16
C ALA A 93 16.92 -7.11 15.73
N VAL A 94 16.21 -6.47 14.80
CA VAL A 94 16.66 -6.45 13.41
C VAL A 94 16.64 -5.05 12.80
N THR A 95 17.45 -4.86 11.76
CA THR A 95 17.57 -3.59 11.04
C THR A 95 16.84 -3.69 9.71
N GLY A 96 15.97 -2.71 9.46
CA GLY A 96 15.21 -2.72 8.22
C GLY A 96 14.15 -3.79 8.30
N ASN A 97 13.89 -4.45 7.18
CA ASN A 97 12.87 -5.51 7.12
C ASN A 97 11.58 -4.97 7.72
N ALA A 98 11.09 -3.88 7.13
CA ALA A 98 9.88 -3.20 7.59
C ALA A 98 8.62 -3.99 7.33
N SER A 99 8.63 -4.82 6.31
CA SER A 99 7.46 -5.63 5.99
C SER A 99 7.29 -6.69 7.07
N ALA A 100 8.41 -7.27 7.51
CA ALA A 100 8.41 -8.28 8.55
C ALA A 100 7.99 -7.67 9.86
N LYS A 101 8.51 -6.47 10.12
CA LYS A 101 8.23 -5.73 11.33
C LYS A 101 6.77 -5.29 11.37
N ALA A 102 6.23 -4.93 10.22
CA ALA A 102 4.84 -4.48 10.08
C ALA A 102 3.86 -5.64 10.20
N ALA A 103 4.27 -6.81 9.71
CA ALA A 103 3.44 -7.99 9.76
C ALA A 103 3.09 -8.30 11.21
N VAL A 104 4.12 -8.37 12.04
CA VAL A 104 3.98 -8.65 13.47
C VAL A 104 3.19 -7.56 14.20
N GLU A 105 3.45 -6.29 13.84
CA GLU A 105 2.76 -5.15 14.45
C GLU A 105 1.24 -5.26 14.28
N MET A 106 0.80 -5.57 13.07
CA MET A 106 -0.61 -5.72 12.75
C MET A 106 -1.30 -6.72 13.67
N ALA A 107 -0.66 -7.87 13.83
CA ALA A 107 -1.18 -8.93 14.66
C ALA A 107 -1.43 -8.54 16.13
N LEU A 108 -0.46 -7.87 16.73
CA LEU A 108 -0.60 -7.44 18.12
C LEU A 108 -1.65 -6.35 18.26
N LEU A 109 -1.77 -5.54 17.22
CA LEU A 109 -2.71 -4.43 17.16
C LEU A 109 -4.14 -4.96 16.98
N ASP A 110 -4.24 -5.99 16.18
CA ASP A 110 -5.49 -6.65 15.89
C ASP A 110 -6.00 -7.36 17.15
N LEU A 111 -5.16 -8.19 17.73
CA LEU A 111 -5.47 -8.95 18.93
C LEU A 111 -5.92 -8.05 20.09
N LYS A 112 -5.15 -6.99 20.34
CA LYS A 112 -5.45 -6.06 21.42
C LYS A 112 -6.80 -5.37 21.20
N ALA A 113 -7.08 -5.04 19.94
CA ALA A 113 -8.33 -4.38 19.56
C ALA A 113 -9.53 -5.31 19.75
N ARG A 114 -9.34 -6.58 19.40
CA ARG A 114 -10.38 -7.58 19.53
C ARG A 114 -10.68 -7.88 21.00
N ALA A 115 -9.64 -7.87 21.83
CA ALA A 115 -9.79 -8.14 23.26
C ALA A 115 -10.55 -7.02 23.96
N LEU A 116 -10.55 -5.84 23.35
CA LEU A 116 -11.26 -4.70 23.91
C LEU A 116 -12.62 -4.56 23.26
N GLY A 117 -12.86 -5.37 22.23
CA GLY A 117 -14.13 -5.33 21.52
C GLY A 117 -14.30 -4.16 20.55
N VAL A 118 -13.28 -3.32 20.44
CA VAL A 118 -13.34 -2.19 19.53
C VAL A 118 -12.67 -2.59 18.22
N SER A 119 -12.54 -1.63 17.31
CA SER A 119 -11.90 -1.87 16.02
C SER A 119 -10.57 -1.12 16.01
N ILE A 120 -9.68 -1.47 15.08
CA ILE A 120 -8.39 -0.79 14.97
C ILE A 120 -8.62 0.71 14.84
N ALA A 121 -9.71 1.07 14.15
CA ALA A 121 -10.08 2.47 13.93
C ALA A 121 -10.46 3.14 15.23
N GLU A 122 -11.31 2.49 16.01
CA GLU A 122 -11.77 3.02 17.30
C GLU A 122 -10.61 3.07 18.28
N LEU A 123 -9.67 2.14 18.12
CA LEU A 123 -8.51 2.09 18.98
C LEU A 123 -7.63 3.32 18.73
N LEU A 124 -7.38 3.60 17.45
CA LEU A 124 -6.56 4.75 17.05
C LEU A 124 -7.25 6.09 17.33
N GLY A 125 -8.52 6.04 17.78
CA GLY A 125 -9.25 7.26 18.10
C GLY A 125 -10.57 7.50 17.39
N GLY A 126 -11.07 6.49 16.68
CA GLY A 126 -12.32 6.62 15.95
C GLY A 126 -12.11 7.18 14.55
N PRO A 127 -13.01 6.89 13.60
CA PRO A 127 -12.90 7.38 12.23
C PRO A 127 -13.38 8.80 12.03
N LEU A 128 -13.15 9.30 10.83
CA LEU A 128 -13.57 10.63 10.46
C LEU A 128 -14.40 10.45 9.19
N ARG A 129 -14.19 9.32 8.52
CA ARG A 129 -14.89 8.98 7.29
C ARG A 129 -15.34 7.51 7.33
N SER A 130 -16.36 7.19 6.56
CA SER A 130 -16.90 5.83 6.51
C SER A 130 -16.51 5.12 5.22
N ALA A 131 -15.92 5.88 4.30
CA ALA A 131 -15.49 5.33 3.01
C ALA A 131 -14.47 6.24 2.35
N ILE A 132 -13.54 5.63 1.63
CA ILE A 132 -12.48 6.38 0.96
C ILE A 132 -12.49 6.07 -0.54
N PRO A 133 -12.52 7.11 -1.40
CA PRO A 133 -12.53 6.98 -2.86
C PRO A 133 -11.39 6.09 -3.31
N ILE A 134 -11.71 4.94 -3.88
CA ILE A 134 -10.70 4.01 -4.34
C ILE A 134 -10.29 4.28 -5.79
N ALA A 135 -9.01 4.09 -6.07
CA ALA A 135 -8.47 4.30 -7.41
C ALA A 135 -8.22 2.94 -8.04
N TRP A 136 -8.39 2.87 -9.36
CA TRP A 136 -8.18 1.64 -10.09
C TRP A 136 -6.93 1.81 -10.95
N THR A 137 -6.09 0.79 -10.99
CA THR A 137 -4.87 0.87 -11.78
C THR A 137 -5.00 0.11 -13.11
N LEU A 138 -4.58 0.75 -14.19
CA LEU A 138 -4.66 0.16 -15.52
C LEU A 138 -3.22 -0.19 -15.95
N ALA A 139 -2.75 -1.36 -15.53
CA ALA A 139 -1.40 -1.80 -15.83
C ALA A 139 -1.21 -2.87 -16.89
N SER A 140 -2.22 -3.16 -17.69
CA SER A 140 -2.04 -4.18 -18.74
C SER A 140 -1.35 -3.55 -19.95
N GLY A 141 -0.59 -4.35 -20.66
CA GLY A 141 0.15 -3.86 -21.80
C GLY A 141 -0.63 -3.33 -23.01
N ASP A 142 -1.92 -3.63 -23.05
CA ASP A 142 -2.76 -3.21 -24.18
C ASP A 142 -3.52 -1.94 -23.87
N THR A 143 -3.50 -1.00 -24.82
CA THR A 143 -4.18 0.28 -24.65
C THR A 143 -5.70 0.13 -24.73
N LYS A 144 -6.16 -0.63 -25.72
CA LYS A 144 -7.58 -0.88 -25.92
C LYS A 144 -8.13 -1.63 -24.72
N ARG A 145 -7.36 -2.61 -24.25
CA ARG A 145 -7.72 -3.43 -23.08
C ARG A 145 -7.97 -2.50 -21.89
N ASP A 146 -7.03 -1.60 -21.62
CA ASP A 146 -7.09 -0.67 -20.51
C ASP A 146 -8.40 0.11 -20.57
N LEU A 147 -8.55 0.84 -21.66
CA LEU A 147 -9.75 1.65 -21.88
C LEU A 147 -11.06 0.89 -21.65
N ASP A 148 -11.15 -0.34 -22.14
CA ASP A 148 -12.35 -1.15 -21.96
C ASP A 148 -12.61 -1.44 -20.47
N SER A 149 -11.57 -1.90 -19.78
CA SER A 149 -11.66 -2.22 -18.36
C SER A 149 -11.96 -0.97 -17.55
N ALA A 150 -11.53 0.17 -18.08
CA ALA A 150 -11.73 1.44 -17.43
C ALA A 150 -13.18 1.91 -17.56
N VAL A 151 -13.73 1.78 -18.77
CA VAL A 151 -15.11 2.20 -19.04
C VAL A 151 -16.11 1.40 -18.21
N GLU A 152 -15.84 0.10 -18.06
CA GLU A 152 -16.72 -0.76 -17.30
C GLU A 152 -16.72 -0.40 -15.82
N MET A 153 -15.56 -0.03 -15.28
CA MET A 153 -15.44 0.33 -13.88
C MET A 153 -16.18 1.61 -13.52
N ILE A 154 -16.35 2.49 -14.50
CA ILE A 154 -17.10 3.73 -14.27
C ILE A 154 -18.58 3.39 -14.34
N GLU A 155 -18.93 2.42 -15.19
CA GLU A 155 -20.31 1.99 -15.34
C GLU A 155 -20.80 1.25 -14.11
N ARG A 156 -19.99 0.30 -13.63
CA ARG A 156 -20.34 -0.50 -12.45
C ARG A 156 -20.36 0.35 -11.19
N ARG A 157 -20.04 1.64 -11.35
CA ARG A 157 -20.01 2.62 -10.26
C ARG A 157 -19.14 2.22 -9.08
N ARG A 158 -17.86 2.02 -9.37
CA ARG A 158 -16.88 1.63 -8.37
C ARG A 158 -15.55 2.36 -8.50
N HIS A 159 -15.18 2.73 -9.74
CA HIS A 159 -13.92 3.41 -9.95
C HIS A 159 -13.99 4.66 -10.81
N ASN A 160 -13.77 5.80 -10.16
CA ASN A 160 -13.81 7.10 -10.81
C ASN A 160 -12.40 7.63 -11.14
N ARG A 161 -11.41 7.18 -10.36
CA ARG A 161 -10.03 7.57 -10.54
C ARG A 161 -9.21 6.43 -11.17
N PHE A 162 -8.20 6.77 -11.96
CA PHE A 162 -7.37 5.75 -12.61
C PHE A 162 -5.87 5.97 -12.48
N LYS A 163 -5.13 4.89 -12.24
CA LYS A 163 -3.68 4.97 -12.11
C LYS A 163 -2.97 4.17 -13.18
N VAL A 164 -2.52 4.87 -14.22
CA VAL A 164 -1.84 4.21 -15.32
C VAL A 164 -0.37 3.95 -14.97
N LYS A 165 0.08 2.74 -15.23
CA LYS A 165 1.47 2.38 -14.97
C LYS A 165 2.25 2.63 -16.25
N LEU A 166 3.10 3.65 -16.25
CA LEU A 166 3.93 3.94 -17.42
C LEU A 166 5.27 3.31 -17.13
N GLY A 167 6.23 3.48 -18.06
CA GLY A 167 7.56 2.95 -17.84
C GLY A 167 8.04 1.79 -18.70
N PHE A 168 7.19 0.81 -18.97
CA PHE A 168 7.61 -0.32 -19.79
C PHE A 168 7.76 0.03 -21.26
N ARG A 169 7.16 1.14 -21.65
CA ARG A 169 7.24 1.63 -23.03
C ARG A 169 8.28 2.76 -23.13
N SER A 170 8.48 3.29 -24.33
CA SER A 170 9.43 4.38 -24.51
C SER A 170 8.75 5.66 -24.00
N PRO A 171 9.53 6.67 -23.58
CA PRO A 171 8.88 7.89 -23.10
C PRO A 171 7.90 8.47 -24.14
N GLN A 172 8.22 8.24 -25.41
CA GLN A 172 7.40 8.73 -26.52
C GLN A 172 6.15 7.89 -26.77
N ASP A 173 6.20 6.61 -26.37
CA ASP A 173 5.06 5.69 -26.55
C ASP A 173 4.06 5.78 -25.40
N ASP A 174 4.54 6.06 -24.20
CA ASP A 174 3.67 6.18 -23.03
C ASP A 174 2.78 7.42 -23.17
N LEU A 175 3.35 8.48 -23.75
CA LEU A 175 2.63 9.73 -23.93
C LEU A 175 1.44 9.52 -24.85
N ILE A 176 1.63 8.70 -25.89
CA ILE A 176 0.57 8.39 -26.84
C ILE A 176 -0.54 7.62 -26.13
N HIS A 177 -0.15 6.62 -25.34
CA HIS A 177 -1.09 5.81 -24.57
C HIS A 177 -1.92 6.73 -23.66
N MET A 178 -1.33 7.85 -23.28
CA MET A 178 -2.01 8.83 -22.44
C MET A 178 -2.90 9.77 -23.25
N GLU A 179 -2.56 9.95 -24.53
CA GLU A 179 -3.36 10.79 -25.42
C GLU A 179 -4.66 10.04 -25.68
N ALA A 180 -4.59 8.71 -25.69
CA ALA A 180 -5.76 7.85 -25.92
C ALA A 180 -6.65 7.76 -24.67
N LEU A 181 -6.05 7.40 -23.53
CA LEU A 181 -6.79 7.27 -22.29
C LEU A 181 -7.39 8.59 -21.84
N SER A 182 -6.63 9.67 -21.99
CA SER A 182 -7.09 11.00 -21.61
C SER A 182 -8.21 11.47 -22.53
N ASN A 183 -8.15 11.05 -23.79
CA ASN A 183 -9.16 11.42 -24.79
C ASN A 183 -10.53 10.86 -24.45
N SER A 184 -10.61 9.55 -24.32
CA SER A 184 -11.86 8.86 -24.00
C SER A 184 -12.37 9.18 -22.60
N LEU A 185 -11.58 8.84 -21.58
CA LEU A 185 -11.95 9.07 -20.19
C LEU A 185 -11.77 10.51 -19.72
N GLY A 186 -11.80 11.43 -20.69
CA GLY A 186 -11.62 12.86 -20.42
C GLY A 186 -12.14 13.43 -19.13
N SER A 187 -13.45 13.67 -19.06
CA SER A 187 -14.06 14.25 -17.87
C SER A 187 -14.77 13.24 -16.96
N LYS A 188 -15.01 12.04 -17.48
CA LYS A 188 -15.70 11.00 -16.73
C LYS A 188 -14.79 10.31 -15.73
N ALA A 189 -13.48 10.53 -15.86
CA ALA A 189 -12.53 9.90 -14.97
C ALA A 189 -11.30 10.73 -14.64
N TYR A 190 -10.72 10.44 -13.48
CA TYR A 190 -9.52 11.10 -13.00
C TYR A 190 -8.31 10.29 -13.43
N LEU A 191 -7.23 10.98 -13.82
CA LEU A 191 -6.03 10.28 -14.27
C LEU A 191 -4.76 10.57 -13.48
N ARG A 192 -4.04 9.50 -13.17
CA ARG A 192 -2.78 9.59 -12.45
C ARG A 192 -1.80 8.61 -13.10
N VAL A 193 -0.49 8.87 -12.96
CA VAL A 193 0.52 7.97 -13.52
C VAL A 193 1.53 7.59 -12.45
N ASP A 194 2.26 6.50 -12.70
CA ASP A 194 3.27 6.01 -11.78
C ASP A 194 4.39 5.41 -12.61
N VAL A 195 5.39 6.22 -12.91
CA VAL A 195 6.51 5.82 -13.75
C VAL A 195 7.42 4.73 -13.16
N ASN A 196 7.20 4.36 -11.90
CA ASN A 196 8.01 3.33 -11.24
C ASN A 196 9.53 3.53 -11.37
N GLN A 197 9.97 4.78 -11.27
CA GLN A 197 11.38 5.15 -11.33
C GLN A 197 12.05 5.13 -12.71
N ALA A 198 11.35 4.66 -13.72
CA ALA A 198 11.92 4.57 -15.06
C ALA A 198 12.54 5.82 -15.69
N TRP A 199 11.99 7.00 -15.45
CA TRP A 199 12.51 8.23 -16.05
C TRP A 199 13.74 8.85 -15.39
N ASP A 200 14.70 9.24 -16.22
CA ASP A 200 15.96 9.83 -15.78
C ASP A 200 15.94 11.34 -15.77
N GLU A 201 15.27 11.93 -14.78
CA GLU A 201 15.17 13.39 -14.61
C GLU A 201 14.95 14.22 -15.89
N GLN A 202 15.95 14.28 -16.77
CA GLN A 202 15.84 15.00 -18.03
C GLN A 202 14.61 14.53 -18.83
N VAL A 203 14.41 13.22 -18.92
CA VAL A 203 13.25 12.68 -19.63
C VAL A 203 11.99 13.09 -18.86
N ALA A 204 12.11 13.16 -17.54
CA ALA A 204 10.99 13.52 -16.69
C ALA A 204 10.61 14.98 -16.85
N SER A 205 11.62 15.84 -17.01
CA SER A 205 11.40 17.27 -17.17
C SER A 205 10.68 17.60 -18.45
N VAL A 206 11.03 16.96 -19.55
CA VAL A 206 10.34 17.26 -20.80
C VAL A 206 8.98 16.58 -20.91
N TYR A 207 8.86 15.39 -20.31
CA TYR A 207 7.63 14.62 -20.38
C TYR A 207 6.57 14.88 -19.33
N ILE A 208 6.95 15.40 -18.16
CA ILE A 208 5.95 15.68 -17.12
C ILE A 208 5.00 16.79 -17.54
N PRO A 209 5.52 17.86 -18.17
CA PRO A 209 4.65 18.95 -18.59
C PRO A 209 3.62 18.51 -19.61
N GLU A 210 4.02 17.56 -20.47
CA GLU A 210 3.14 17.04 -21.51
C GLU A 210 1.95 16.32 -20.89
N LEU A 211 2.24 15.48 -19.91
CA LEU A 211 1.21 14.73 -19.20
C LEU A 211 0.33 15.71 -18.42
N GLU A 212 0.96 16.78 -17.94
CA GLU A 212 0.30 17.85 -17.18
C GLU A 212 -0.73 18.51 -18.10
N ALA A 213 -0.33 18.72 -19.35
CA ALA A 213 -1.20 19.35 -20.34
C ALA A 213 -2.34 18.42 -20.76
N LEU A 214 -2.22 17.13 -20.44
CA LEU A 214 -3.25 16.17 -20.77
C LEU A 214 -4.24 16.00 -19.63
N GLY A 215 -4.07 16.81 -18.59
CA GLY A 215 -4.98 16.77 -17.44
C GLY A 215 -4.68 15.75 -16.37
N VAL A 216 -3.46 15.19 -16.38
CA VAL A 216 -3.07 14.19 -15.36
C VAL A 216 -2.88 14.97 -14.06
N GLU A 217 -3.55 14.53 -13.00
CA GLU A 217 -3.49 15.24 -11.72
C GLU A 217 -2.41 14.88 -10.73
N LEU A 218 -1.73 13.76 -10.97
CA LEU A 218 -0.70 13.30 -10.05
C LEU A 218 0.28 12.39 -10.77
N ILE A 219 1.57 12.65 -10.55
CA ILE A 219 2.64 11.87 -11.16
C ILE A 219 3.49 11.25 -10.04
N GLU A 220 3.29 9.95 -9.83
CA GLU A 220 3.98 9.20 -8.79
C GLU A 220 5.37 8.67 -9.15
N GLN A 221 6.33 8.98 -8.29
CA GLN A 221 7.73 8.57 -8.42
C GLN A 221 8.30 8.63 -9.84
N PRO A 222 8.40 9.84 -10.42
CA PRO A 222 8.92 10.00 -11.78
C PRO A 222 10.35 9.42 -11.93
N VAL A 223 11.25 9.90 -11.08
CA VAL A 223 12.65 9.47 -11.10
C VAL A 223 12.95 8.39 -10.08
N GLY A 224 14.22 7.99 -10.02
CA GLY A 224 14.67 6.97 -9.09
C GLY A 224 14.36 7.30 -7.64
N ARG A 225 14.34 6.27 -6.79
CA ARG A 225 14.02 6.43 -5.37
C ARG A 225 15.00 7.28 -4.59
N GLU A 226 16.27 7.20 -4.96
CA GLU A 226 17.33 7.94 -4.27
C GLU A 226 17.56 9.36 -4.76
N ASN A 227 17.15 9.66 -5.98
CA ASN A 227 17.35 10.98 -6.55
C ASN A 227 16.31 11.96 -6.06
N THR A 228 16.25 12.13 -4.74
CA THR A 228 15.32 13.01 -4.06
C THR A 228 15.54 14.49 -4.38
N GLN A 229 16.65 14.79 -5.06
CA GLN A 229 16.96 16.16 -5.43
C GLN A 229 16.34 16.50 -6.77
N ALA A 230 16.15 15.46 -7.58
CA ALA A 230 15.53 15.62 -8.89
C ALA A 230 14.05 15.76 -8.60
N LEU A 231 13.57 14.92 -7.70
CA LEU A 231 12.17 14.89 -7.28
C LEU A 231 11.74 16.30 -6.86
N ARG A 232 12.69 17.08 -6.32
CA ARG A 232 12.40 18.44 -5.89
C ARG A 232 12.34 19.41 -7.07
N ARG A 233 13.36 19.40 -7.92
CA ARG A 233 13.39 20.30 -9.06
C ARG A 233 12.15 20.15 -9.94
N LEU A 234 11.75 18.90 -10.17
CA LEU A 234 10.58 18.60 -10.97
C LEU A 234 9.37 19.24 -10.27
N SER A 235 9.36 19.15 -8.95
CA SER A 235 8.26 19.71 -8.17
C SER A 235 8.15 21.22 -8.24
N ASP A 236 9.29 21.90 -8.31
CA ASP A 236 9.24 23.36 -8.36
C ASP A 236 8.95 23.88 -9.76
N ASN A 237 9.28 23.06 -10.75
CA ASN A 237 9.08 23.47 -12.14
C ASN A 237 7.77 23.04 -12.77
N ASN A 238 6.98 22.26 -12.04
CA ASN A 238 5.71 21.78 -12.55
C ASN A 238 4.57 21.98 -11.56
N ARG A 239 3.41 22.39 -12.07
CA ARG A 239 2.23 22.61 -11.24
C ARG A 239 1.61 21.28 -10.80
N VAL A 240 1.81 20.23 -11.60
CA VAL A 240 1.26 18.91 -11.30
C VAL A 240 1.68 18.49 -9.90
N ALA A 241 0.90 17.61 -9.27
CA ALA A 241 1.25 17.13 -7.94
C ALA A 241 2.14 15.92 -8.12
N ILE A 242 3.33 15.96 -7.51
CA ILE A 242 4.27 14.84 -7.61
C ILE A 242 4.25 14.07 -6.30
N MET A 243 4.01 12.77 -6.38
CA MET A 243 3.96 11.93 -5.18
C MET A 243 5.19 11.06 -5.02
N ALA A 244 5.63 10.88 -3.78
CA ALA A 244 6.78 10.04 -3.50
C ALA A 244 6.27 8.68 -3.06
N ASP A 245 6.82 7.61 -3.62
CA ASP A 245 6.42 6.26 -3.25
C ASP A 245 7.65 5.45 -2.84
N GLU A 246 8.52 5.15 -3.81
CA GLU A 246 9.73 4.37 -3.50
C GLU A 246 10.74 5.12 -2.65
N SER A 247 10.75 6.45 -2.75
CA SER A 247 11.67 7.25 -1.98
C SER A 247 11.33 7.22 -0.48
N LEU A 248 10.04 7.06 -0.17
CA LEU A 248 9.60 6.99 1.23
C LEU A 248 9.97 5.62 1.81
N SER A 249 10.55 5.64 3.01
CA SER A 249 10.99 4.43 3.69
C SER A 249 10.89 4.55 5.21
N THR A 250 11.76 5.36 5.80
CA THR A 250 11.79 5.55 7.25
C THR A 250 11.26 6.92 7.61
N LEU A 251 10.99 7.12 8.90
CA LEU A 251 10.49 8.41 9.38
C LEU A 251 11.47 9.52 8.98
N ALA A 252 12.76 9.21 9.04
CA ALA A 252 13.80 10.18 8.69
C ALA A 252 13.74 10.59 7.22
N SER A 253 13.52 9.64 6.31
CA SER A 253 13.43 9.94 4.88
C SER A 253 12.19 10.77 4.59
N ALA A 254 11.17 10.60 5.42
CA ALA A 254 9.92 11.34 5.28
C ALA A 254 10.19 12.81 5.58
N PHE A 255 10.88 13.06 6.68
CA PHE A 255 11.23 14.42 7.09
C PHE A 255 12.19 15.03 6.07
N ASP A 256 13.11 14.21 5.56
CA ASP A 256 14.10 14.66 4.59
C ASP A 256 13.44 15.18 3.32
N LEU A 257 12.33 14.57 2.93
CA LEU A 257 11.62 15.00 1.74
C LEU A 257 10.77 16.25 2.05
N ALA A 258 10.31 16.34 3.29
CA ALA A 258 9.46 17.44 3.76
C ALA A 258 10.14 18.77 4.09
N ARG A 259 11.47 18.77 4.23
CA ARG A 259 12.19 20.00 4.56
C ARG A 259 11.99 21.10 3.54
N ASP A 260 12.37 20.82 2.29
CA ASP A 260 12.27 21.79 1.19
C ASP A 260 11.12 21.47 0.22
N ARG A 261 10.19 20.64 0.68
CA ARG A 261 9.03 20.21 -0.11
C ARG A 261 9.51 19.64 -1.44
N SER A 262 10.23 18.53 -1.33
CA SER A 262 10.74 17.84 -2.50
C SER A 262 9.56 17.14 -3.20
N VAL A 263 8.49 16.90 -2.45
CA VAL A 263 7.31 16.24 -2.99
C VAL A 263 6.04 16.90 -2.51
N ASP A 264 4.96 16.65 -3.26
CA ASP A 264 3.65 17.20 -2.97
C ASP A 264 2.80 16.26 -2.13
N VAL A 265 2.89 14.97 -2.42
CA VAL A 265 2.11 13.97 -1.70
C VAL A 265 2.95 12.78 -1.23
N PHE A 266 2.70 12.34 0.00
CA PHE A 266 3.38 11.17 0.56
C PHE A 266 2.46 9.99 0.35
N SER A 267 2.98 8.89 -0.15
CA SER A 267 2.16 7.71 -0.34
C SER A 267 2.32 6.83 0.90
N LEU A 268 1.28 6.71 1.71
CA LEU A 268 1.36 5.89 2.93
C LEU A 268 1.28 4.39 2.61
N LYS A 269 2.27 3.62 3.04
CA LYS A 269 2.29 2.17 2.80
C LYS A 269 2.79 1.46 4.06
N LEU A 270 1.90 0.76 4.77
CA LEU A 270 2.29 0.08 6.01
C LEU A 270 3.51 -0.85 5.91
N CYS A 271 3.55 -1.69 4.90
CA CYS A 271 4.68 -2.62 4.75
C CYS A 271 6.00 -1.92 4.37
N ASN A 272 5.89 -0.82 3.65
CA ASN A 272 7.06 -0.05 3.21
C ASN A 272 7.51 0.91 4.32
N MET A 273 6.64 1.13 5.29
CA MET A 273 6.95 2.04 6.37
C MET A 273 7.14 1.45 7.75
N GLY A 274 6.86 0.17 7.91
CA GLY A 274 7.03 -0.48 9.20
C GLY A 274 5.80 -0.62 10.10
N GLY A 275 4.62 -0.61 9.49
CA GLY A 275 3.42 -0.77 10.28
C GLY A 275 2.54 0.45 10.34
N VAL A 276 1.54 0.37 11.22
CA VAL A 276 0.56 1.42 11.46
C VAL A 276 1.13 2.54 12.32
N SER A 277 1.88 2.17 13.35
CA SER A 277 2.47 3.14 14.26
C SER A 277 3.47 4.02 13.54
N ALA A 278 4.22 3.42 12.63
CA ALA A 278 5.24 4.14 11.86
C ALA A 278 4.57 5.06 10.84
N THR A 279 3.53 4.56 10.18
CA THR A 279 2.80 5.32 9.19
C THR A 279 2.20 6.60 9.78
N GLN A 280 1.64 6.49 10.99
CA GLN A 280 1.05 7.65 11.66
C GLN A 280 2.05 8.78 11.85
N LYS A 281 3.29 8.43 12.17
CA LYS A 281 4.34 9.42 12.38
C LYS A 281 4.69 10.15 11.09
N ILE A 282 4.69 9.40 10.00
CA ILE A 282 5.00 9.99 8.71
C ILE A 282 3.84 10.88 8.31
N ALA A 283 2.64 10.48 8.68
CA ALA A 283 1.44 11.24 8.38
C ALA A 283 1.41 12.50 9.25
N ALA A 284 2.27 12.53 10.27
CA ALA A 284 2.38 13.65 11.19
C ALA A 284 3.35 14.66 10.65
N VAL A 285 4.47 14.19 10.09
CA VAL A 285 5.48 15.09 9.53
C VAL A 285 4.96 15.67 8.21
N ALA A 286 4.05 14.94 7.57
CA ALA A 286 3.47 15.37 6.31
C ALA A 286 2.46 16.49 6.58
N GLU A 287 1.70 16.34 7.66
CA GLU A 287 0.70 17.32 8.05
C GLU A 287 1.34 18.63 8.51
N ALA A 288 2.47 18.51 9.22
CA ALA A 288 3.18 19.66 9.73
C ALA A 288 3.83 20.47 8.62
N SER A 289 4.43 19.76 7.67
CA SER A 289 5.10 20.39 6.54
C SER A 289 4.10 20.89 5.50
N GLY A 290 2.90 20.29 5.50
CA GLY A 290 1.89 20.70 4.55
C GLY A 290 1.83 19.84 3.32
N ILE A 291 2.41 18.65 3.40
CA ILE A 291 2.40 17.73 2.28
C ILE A 291 1.15 16.84 2.42
N ALA A 292 0.46 16.62 1.30
CA ALA A 292 -0.75 15.80 1.30
C ALA A 292 -0.43 14.33 1.58
N SER A 293 -1.41 13.57 2.04
CA SER A 293 -1.22 12.16 2.33
C SER A 293 -2.08 11.34 1.39
N TYR A 294 -1.48 10.27 0.86
CA TYR A 294 -2.16 9.39 -0.07
C TYR A 294 -2.69 8.15 0.68
N GLY A 295 -2.33 6.96 0.22
CA GLY A 295 -2.80 5.74 0.88
C GLY A 295 -2.62 4.60 -0.09
N GLY A 296 -1.36 4.17 -0.21
CA GLY A 296 -0.98 3.10 -1.12
C GLY A 296 -1.21 1.68 -0.65
N THR A 297 -0.71 0.75 -1.45
CA THR A 297 -0.86 -0.66 -1.17
C THR A 297 0.26 -1.44 -1.88
N MET A 298 0.53 -2.65 -1.41
CA MET A 298 1.54 -3.51 -2.03
C MET A 298 0.73 -4.66 -2.63
N LEU A 299 -0.46 -4.31 -3.14
CA LEU A 299 -1.39 -5.27 -3.73
C LEU A 299 -1.54 -6.41 -2.73
N ASP A 300 -1.76 -6.02 -1.48
CA ASP A 300 -1.90 -6.96 -0.40
C ASP A 300 -3.33 -7.44 -0.28
N SER A 301 -3.50 -8.61 0.34
CA SER A 301 -4.82 -9.21 0.51
C SER A 301 -5.79 -8.41 1.39
N THR A 302 -6.87 -9.07 1.81
CA THR A 302 -7.88 -8.43 2.63
C THR A 302 -7.34 -8.07 4.01
N ILE A 303 -6.55 -8.98 4.58
CA ILE A 303 -5.97 -8.78 5.91
C ILE A 303 -5.23 -7.46 5.98
N GLY A 304 -4.48 -7.14 4.91
CA GLY A 304 -3.74 -5.91 4.86
C GLY A 304 -4.65 -4.73 4.58
N THR A 305 -5.34 -4.78 3.44
CA THR A 305 -6.26 -3.73 3.02
C THR A 305 -7.20 -3.28 4.13
N SER A 306 -7.61 -4.22 4.99
CA SER A 306 -8.51 -3.90 6.07
C SER A 306 -7.86 -3.06 7.16
N VAL A 307 -6.64 -3.43 7.56
CA VAL A 307 -5.90 -2.70 8.60
C VAL A 307 -5.56 -1.29 8.11
N ALA A 308 -5.11 -1.21 6.87
CA ALA A 308 -4.75 0.06 6.25
C ALA A 308 -5.99 0.95 6.20
N LEU A 309 -7.15 0.35 5.92
CA LEU A 309 -8.42 1.08 5.85
C LEU A 309 -8.74 1.70 7.20
N GLN A 310 -8.59 0.89 8.24
CA GLN A 310 -8.86 1.31 9.60
C GLN A 310 -8.08 2.58 9.93
N LEU A 311 -6.80 2.58 9.57
CA LEU A 311 -5.88 3.70 9.83
C LEU A 311 -6.13 4.92 8.94
N TYR A 312 -6.42 4.72 7.67
CA TYR A 312 -6.66 5.83 6.76
C TYR A 312 -7.92 6.62 7.12
N SER A 313 -8.91 5.93 7.68
CA SER A 313 -10.14 6.61 8.08
C SER A 313 -9.90 7.60 9.22
N THR A 314 -8.76 7.47 9.90
CA THR A 314 -8.40 8.34 11.02
C THR A 314 -7.56 9.55 10.61
N VAL A 315 -7.04 9.52 9.38
CA VAL A 315 -6.22 10.61 8.83
C VAL A 315 -7.12 11.82 8.58
N PRO A 316 -6.66 13.02 8.94
CA PRO A 316 -7.44 14.26 8.75
C PRO A 316 -7.95 14.47 7.31
N SER A 317 -7.13 14.11 6.33
CA SER A 317 -7.54 14.28 4.94
C SER A 317 -6.69 13.51 3.96
N LEU A 318 -7.37 12.95 2.96
CA LEU A 318 -6.75 12.17 1.90
C LEU A 318 -7.29 12.76 0.58
N PRO A 319 -6.75 13.92 0.17
CA PRO A 319 -7.15 14.64 -1.05
C PRO A 319 -7.12 13.85 -2.33
N PHE A 320 -6.45 12.69 -2.32
CA PHE A 320 -6.36 11.85 -3.51
C PHE A 320 -6.94 10.45 -3.31
N GLY A 321 -7.56 10.27 -2.14
CA GLY A 321 -8.16 9.00 -1.83
C GLY A 321 -7.11 7.94 -1.56
N CYS A 322 -7.38 6.72 -1.99
CA CYS A 322 -6.46 5.62 -1.81
C CYS A 322 -6.46 4.72 -3.04
N GLU A 323 -5.78 3.59 -2.94
CA GLU A 323 -5.70 2.65 -4.05
C GLU A 323 -5.67 1.24 -3.49
N LEU A 324 -6.52 0.99 -2.51
CA LEU A 324 -6.60 -0.32 -1.88
C LEU A 324 -7.40 -1.35 -2.70
N ILE A 325 -6.85 -1.69 -3.87
CA ILE A 325 -7.48 -2.63 -4.78
C ILE A 325 -6.87 -4.02 -4.64
N GLY A 326 -6.18 -4.23 -3.52
CA GLY A 326 -5.53 -5.51 -3.29
C GLY A 326 -6.43 -6.72 -3.47
N PRO A 327 -7.56 -6.79 -2.77
CA PRO A 327 -8.48 -7.93 -2.88
C PRO A 327 -9.15 -8.01 -4.24
N PHE A 328 -9.38 -6.86 -4.86
CA PHE A 328 -10.06 -6.79 -6.14
C PHE A 328 -9.27 -7.23 -7.37
N VAL A 329 -7.95 -7.25 -7.28
CA VAL A 329 -7.10 -7.69 -8.39
C VAL A 329 -6.70 -9.15 -8.17
N LEU A 330 -6.75 -9.57 -6.91
CA LEU A 330 -6.40 -10.92 -6.53
C LEU A 330 -7.45 -11.90 -7.04
N ALA A 331 -7.03 -13.15 -7.25
CA ALA A 331 -7.92 -14.20 -7.76
C ALA A 331 -8.69 -14.95 -6.68
N ASP A 332 -8.45 -14.62 -5.41
CA ASP A 332 -9.11 -15.28 -4.29
C ASP A 332 -8.78 -14.57 -3.00
N THR A 333 -9.53 -14.86 -1.93
CA THR A 333 -9.29 -14.24 -0.63
C THR A 333 -8.88 -15.29 0.40
N LEU A 334 -8.40 -14.81 1.55
CA LEU A 334 -7.95 -15.68 2.63
C LEU A 334 -8.81 -15.40 3.86
N SER A 335 -10.06 -15.00 3.65
CA SER A 335 -10.97 -14.70 4.74
C SER A 335 -12.41 -14.96 4.31
N HIS A 336 -13.30 -15.04 5.29
CA HIS A 336 -14.71 -15.28 5.02
C HIS A 336 -15.42 -14.00 4.63
N GLU A 337 -14.87 -12.87 5.08
CA GLU A 337 -15.47 -11.58 4.81
C GLU A 337 -14.83 -10.86 3.63
N PRO A 338 -15.65 -10.19 2.81
CA PRO A 338 -15.14 -9.44 1.67
C PRO A 338 -15.27 -7.94 1.90
N LEU A 339 -14.42 -7.16 1.24
CA LEU A 339 -14.49 -5.71 1.36
C LEU A 339 -15.28 -5.26 0.13
N GLU A 340 -16.33 -4.47 0.35
CA GLU A 340 -17.17 -4.02 -0.76
C GLU A 340 -17.11 -2.53 -1.12
N ILE A 341 -16.98 -2.27 -2.42
CA ILE A 341 -16.94 -0.91 -2.94
C ILE A 341 -18.39 -0.49 -3.23
N ARG A 342 -18.72 0.75 -2.91
CA ARG A 342 -20.08 1.27 -3.14
C ARG A 342 -20.03 2.73 -3.54
N ASP A 343 -20.23 2.99 -4.83
CA ASP A 343 -20.23 4.34 -5.41
C ASP A 343 -18.84 4.99 -5.46
N TYR A 344 -17.92 4.30 -6.15
CA TYR A 344 -16.54 4.76 -6.34
C TYR A 344 -15.70 4.81 -5.06
N GLU A 345 -16.29 4.43 -3.93
CA GLU A 345 -15.58 4.49 -2.66
C GLU A 345 -15.47 3.14 -1.97
N LEU A 346 -14.30 2.85 -1.40
CA LEU A 346 -14.09 1.62 -0.65
C LEU A 346 -14.62 1.89 0.76
N GLN A 347 -15.58 1.09 1.21
CA GLN A 347 -16.18 1.26 2.53
C GLN A 347 -15.34 0.68 3.66
N VAL A 348 -15.33 1.35 4.81
CA VAL A 348 -14.57 0.91 6.00
C VAL A 348 -15.40 -0.16 6.72
N PRO A 349 -14.78 -1.32 7.04
CA PRO A 349 -15.41 -2.46 7.73
C PRO A 349 -16.16 -2.17 9.04
N THR A 350 -17.04 -3.10 9.43
CA THR A 350 -17.88 -2.97 10.61
C THR A 350 -17.65 -4.05 11.68
N GLY A 351 -16.40 -4.32 12.04
CA GLY A 351 -16.14 -5.33 13.04
C GLY A 351 -15.11 -4.90 14.06
N VAL A 352 -14.65 -5.84 14.88
CA VAL A 352 -13.64 -5.53 15.89
C VAL A 352 -12.28 -5.96 15.36
N GLY A 353 -11.33 -5.03 15.36
CA GLY A 353 -9.99 -5.31 14.86
C GLY A 353 -10.00 -5.83 13.44
N HIS A 354 -9.86 -4.92 12.48
CA HIS A 354 -9.87 -5.23 11.05
C HIS A 354 -10.88 -6.27 10.57
N GLY A 355 -11.96 -6.44 11.34
CA GLY A 355 -13.02 -7.40 11.02
C GLY A 355 -12.80 -8.40 9.90
N MET A 356 -11.81 -9.28 10.06
CA MET A 356 -11.49 -10.28 9.04
C MET A 356 -10.98 -11.55 9.70
N THR A 357 -11.64 -12.67 9.45
CA THR A 357 -11.18 -13.96 9.99
C THR A 357 -10.57 -14.79 8.88
N LEU A 358 -9.32 -15.18 9.09
CA LEU A 358 -8.56 -15.97 8.15
C LEU A 358 -9.29 -17.27 7.83
N ASP A 359 -9.34 -17.60 6.55
CA ASP A 359 -10.00 -18.81 6.09
C ASP A 359 -8.94 -19.90 6.08
N GLU A 360 -8.87 -20.66 7.17
CA GLU A 360 -7.91 -21.74 7.33
C GLU A 360 -7.89 -22.63 6.11
N ASP A 361 -9.06 -22.84 5.53
CA ASP A 361 -9.22 -23.67 4.35
C ASP A 361 -8.50 -23.01 3.18
N LYS A 362 -8.65 -21.70 3.03
CA LYS A 362 -8.01 -20.93 1.96
C LYS A 362 -6.51 -20.79 2.19
N VAL A 363 -6.09 -20.86 3.44
CA VAL A 363 -4.68 -20.74 3.78
C VAL A 363 -3.95 -22.01 3.35
N ARG A 364 -4.65 -23.13 3.46
CA ARG A 364 -4.10 -24.45 3.12
C ARG A 364 -3.92 -24.72 1.63
N GLN A 365 -4.77 -24.11 0.81
CA GLN A 365 -4.75 -24.32 -0.63
C GLN A 365 -3.54 -23.78 -1.38
N TYR A 366 -2.98 -22.68 -0.91
CA TYR A 366 -1.86 -22.06 -1.60
C TYR A 366 -0.49 -22.33 -0.96
N ALA A 367 -0.34 -21.94 0.30
CA ALA A 367 0.88 -22.13 1.11
C ALA A 367 2.27 -22.55 0.56
N ARG A 368 2.72 -21.95 -0.55
CA ARG A 368 4.03 -22.30 -1.11
C ARG A 368 4.99 -21.12 -0.94
N VAL A 369 6.29 -21.41 -0.91
CA VAL A 369 7.30 -20.35 -0.76
C VAL A 369 7.46 -19.49 -2.03
N SER A 370 7.74 -20.13 -3.15
CA SER A 370 7.96 -19.48 -4.45
C SER A 370 8.92 -18.29 -4.53
#